data_1WN8
#
_entry.id   1WN8
#
_entity_poly.entity_id   1
_entity_poly.type   'polypeptide(L)'
_entity_poly.pdbx_seq_one_letter_code
;GVKSSETTLTMFLKEMQLKGLP
;
_entity_poly.pdbx_strand_id   A
#
# COMPACT_ATOMS: atom_id res chain seq x y z
N GLY A 1 6.84 7.64 6.23
CA GLY A 1 6.11 8.93 6.25
C GLY A 1 5.53 9.23 7.61
N VAL A 2 4.39 9.90 7.65
CA VAL A 2 3.75 10.23 8.91
C VAL A 2 2.29 9.77 8.91
N LYS A 3 2.08 8.55 8.40
CA LYS A 3 0.75 7.94 8.30
C LYS A 3 -0.08 8.61 7.21
N SER A 4 -0.17 9.92 7.25
CA SER A 4 -0.89 10.70 6.24
C SER A 4 -0.12 10.71 4.92
N SER A 5 0.99 10.01 4.92
CA SER A 5 1.86 9.90 3.77
C SER A 5 2.69 8.64 3.93
N GLU A 6 1.99 7.59 4.33
CA GLU A 6 2.63 6.31 4.59
C GLU A 6 1.60 5.20 4.69
N THR A 7 0.53 5.45 5.44
CA THR A 7 -0.53 4.48 5.61
C THR A 7 -1.22 4.18 4.29
N THR A 8 -1.67 5.23 3.61
CA THR A 8 -2.33 5.08 2.32
C THR A 8 -1.37 4.48 1.30
N LEU A 9 -0.09 4.81 1.46
CA LEU A 9 0.97 4.30 0.58
C LEU A 9 1.06 2.79 0.71
N THR A 10 1.13 2.32 1.95
CA THR A 10 1.22 0.90 2.23
C THR A 10 -0.06 0.19 1.80
N MET A 11 -1.16 0.92 1.78
CA MET A 11 -2.45 0.37 1.40
C MET A 11 -2.51 0.14 -0.10
N PHE A 12 -1.99 1.08 -0.87
CA PHE A 12 -2.02 0.94 -2.31
C PHE A 12 -1.01 -0.10 -2.76
N LEU A 13 0.15 -0.12 -2.11
CA LEU A 13 1.18 -1.07 -2.48
C LEU A 13 0.75 -2.47 -2.10
N LYS A 14 0.00 -2.60 -1.00
CA LYS A 14 -0.49 -3.89 -0.55
C LYS A 14 -1.28 -4.59 -1.66
N GLU A 15 -2.18 -3.84 -2.28
CA GLU A 15 -3.02 -4.39 -3.33
C GLU A 15 -2.21 -4.74 -4.57
N MET A 16 -1.36 -3.81 -4.99
CA MET A 16 -0.52 -4.01 -6.17
C MET A 16 0.41 -5.20 -6.00
N GLN A 17 1.00 -5.33 -4.82
CA GLN A 17 1.90 -6.43 -4.52
C GLN A 17 1.16 -7.75 -4.47
N LEU A 18 -0.03 -7.75 -3.87
CA LEU A 18 -0.83 -8.96 -3.79
C LEU A 18 -1.27 -9.41 -5.18
N LYS A 19 -1.56 -8.44 -6.04
CA LYS A 19 -1.99 -8.74 -7.40
C LYS A 19 -0.80 -8.83 -8.35
N GLY A 20 0.40 -8.92 -7.82
CA GLY A 20 1.58 -9.00 -8.66
C GLY A 20 2.71 -9.79 -8.01
N LEU A 21 2.34 -10.76 -7.18
CA LEU A 21 3.33 -11.60 -6.51
C LEU A 21 3.59 -12.93 -7.25
N PRO A 22 2.55 -13.60 -7.85
CA PRO A 22 2.76 -14.86 -8.56
C PRO A 22 3.11 -14.66 -10.03
N GLY A 1 0.14 13.53 8.14
CA GLY A 1 1.37 13.50 8.97
C GLY A 1 2.31 12.41 8.52
N VAL A 2 3.00 11.77 9.47
CA VAL A 2 3.93 10.70 9.13
C VAL A 2 3.17 9.40 8.82
N LYS A 3 2.34 8.95 9.74
CA LYS A 3 1.56 7.73 9.54
C LYS A 3 0.37 8.03 8.64
N SER A 4 -0.22 9.20 8.85
CA SER A 4 -1.37 9.64 8.06
C SER A 4 -0.95 10.05 6.64
N SER A 5 -0.33 9.11 5.94
CA SER A 5 0.16 9.29 4.58
C SER A 5 0.85 8.00 4.16
N GLU A 6 1.87 7.62 4.92
CA GLU A 6 2.65 6.41 4.69
C GLU A 6 1.75 5.18 4.65
N THR A 7 0.80 5.15 5.56
CA THR A 7 -0.13 4.04 5.66
C THR A 7 -1.00 3.93 4.41
N THR A 8 -1.39 5.07 3.86
CA THR A 8 -2.19 5.10 2.65
C THR A 8 -1.39 4.53 1.48
N LEU A 9 -0.10 4.83 1.48
CA LEU A 9 0.80 4.36 0.44
C LEU A 9 1.00 2.86 0.54
N THR A 10 1.28 2.39 1.74
CA THR A 10 1.47 0.97 1.98
C THR A 10 0.18 0.19 1.76
N MET A 11 -0.94 0.90 1.79
CA MET A 11 -2.24 0.28 1.58
C MET A 11 -2.43 -0.05 0.12
N PHE A 12 -2.13 0.91 -0.75
CA PHE A 12 -2.27 0.68 -2.18
C PHE A 12 -1.21 -0.31 -2.61
N LEU A 13 -0.03 -0.20 -1.99
CA LEU A 13 1.07 -1.07 -2.26
C LEU A 13 0.72 -2.51 -1.89
N LYS A 14 -0.14 -2.65 -0.89
CA LYS A 14 -0.56 -3.95 -0.43
C LYS A 14 -1.35 -4.67 -1.51
N GLU A 15 -2.27 -3.95 -2.14
CA GLU A 15 -3.10 -4.51 -3.19
C GLU A 15 -2.31 -4.73 -4.48
N MET A 16 -1.56 -3.71 -4.89
CA MET A 16 -0.76 -3.79 -6.11
C MET A 16 0.24 -4.94 -6.07
N GLN A 17 1.00 -5.02 -4.98
CA GLN A 17 1.99 -6.08 -4.85
C GLN A 17 1.32 -7.44 -4.71
N LEU A 18 0.09 -7.46 -4.19
CA LEU A 18 -0.67 -8.69 -4.03
C LEU A 18 -1.00 -9.26 -5.41
N LYS A 19 -1.26 -8.36 -6.36
CA LYS A 19 -1.58 -8.77 -7.72
C LYS A 19 -0.34 -9.26 -8.46
N GLY A 20 0.81 -8.70 -8.08
CA GLY A 20 2.07 -9.09 -8.71
C GLY A 20 2.62 -10.40 -8.21
N LEU A 21 2.55 -10.63 -6.90
CA LEU A 21 3.06 -11.85 -6.30
C LEU A 21 2.03 -12.97 -6.37
N PRO A 22 2.40 -14.10 -7.01
CA PRO A 22 1.53 -15.26 -7.16
C PRO A 22 1.62 -16.20 -5.95
N GLY A 1 5.38 9.58 6.13
CA GLY A 1 5.03 10.97 6.53
C GLY A 1 4.12 10.99 7.74
N VAL A 2 3.26 12.00 7.82
CA VAL A 2 2.33 12.12 8.93
C VAL A 2 1.02 11.39 8.61
N LYS A 3 1.15 10.10 8.33
CA LYS A 3 0.02 9.22 7.98
C LYS A 3 -0.54 9.55 6.59
N SER A 4 -0.82 10.83 6.35
CA SER A 4 -1.32 11.30 5.07
C SER A 4 -0.24 11.25 3.98
N SER A 5 0.81 10.52 4.26
CA SER A 5 1.94 10.35 3.36
C SER A 5 2.72 9.13 3.78
N GLU A 6 1.96 8.09 4.07
CA GLU A 6 2.51 6.82 4.53
C GLU A 6 1.46 5.73 4.41
N THR A 7 0.26 6.03 4.87
CA THR A 7 -0.83 5.07 4.81
C THR A 7 -1.29 4.87 3.37
N THR A 8 -1.33 5.95 2.61
CA THR A 8 -1.74 5.89 1.21
C THR A 8 -0.82 5.00 0.38
N LEU A 9 0.49 5.12 0.61
CA LEU A 9 1.46 4.30 -0.13
C LEU A 9 1.36 2.84 0.30
N THR A 10 1.20 2.62 1.60
CA THR A 10 1.07 1.27 2.13
C THR A 10 -0.24 0.64 1.64
N MET A 11 -1.21 1.49 1.34
CA MET A 11 -2.50 1.06 0.86
C MET A 11 -2.39 0.48 -0.53
N PHE A 12 -1.61 1.12 -1.37
CA PHE A 12 -1.43 0.61 -2.71
C PHE A 12 -0.56 -0.64 -2.66
N LEU A 13 0.38 -0.63 -1.72
CA LEU A 13 1.30 -1.75 -1.54
C LEU A 13 0.58 -3.04 -1.16
N LYS A 14 -0.33 -2.96 -0.19
CA LYS A 14 -1.06 -4.15 0.26
C LYS A 14 -1.84 -4.82 -0.87
N GLU A 15 -2.23 -4.06 -1.87
CA GLU A 15 -2.99 -4.63 -2.98
C GLU A 15 -2.12 -4.98 -4.17
N MET A 16 -1.12 -4.14 -4.47
CA MET A 16 -0.25 -4.41 -5.61
C MET A 16 0.46 -5.75 -5.47
N GLN A 17 0.81 -6.11 -4.24
CA GLN A 17 1.48 -7.38 -3.99
C GLN A 17 0.59 -8.57 -4.36
N LEU A 18 -0.67 -8.52 -3.95
CA LEU A 18 -1.58 -9.61 -4.28
C LEU A 18 -1.95 -9.59 -5.76
N LYS A 19 -1.85 -8.40 -6.36
CA LYS A 19 -2.17 -8.23 -7.77
C LYS A 19 -1.09 -8.82 -8.68
N GLY A 20 0.17 -8.69 -8.28
CA GLY A 20 1.25 -9.20 -9.10
C GLY A 20 2.61 -9.07 -8.45
N LEU A 21 2.81 -9.76 -7.34
CA LEU A 21 4.09 -9.73 -6.64
C LEU A 21 5.15 -10.61 -7.35
N PRO A 22 4.84 -11.90 -7.62
CA PRO A 22 5.78 -12.80 -8.28
C PRO A 22 5.65 -12.76 -9.81
N GLY A 1 3.30 12.86 7.45
CA GLY A 1 3.97 12.37 8.68
C GLY A 1 4.43 10.93 8.52
N VAL A 2 4.21 10.13 9.55
CA VAL A 2 4.57 8.71 9.51
C VAL A 2 3.40 7.88 9.01
N LYS A 3 2.26 8.02 9.69
CA LYS A 3 1.05 7.31 9.30
C LYS A 3 0.40 8.03 8.13
N SER A 4 1.14 8.05 7.03
CA SER A 4 0.73 8.70 5.80
C SER A 4 1.56 8.11 4.67
N SER A 5 2.84 7.95 4.94
CA SER A 5 3.77 7.36 4.00
C SER A 5 3.74 5.86 4.19
N GLU A 6 3.74 5.48 5.45
CA GLU A 6 3.67 4.09 5.86
C GLU A 6 2.20 3.70 5.99
N THR A 7 1.37 4.35 5.18
CA THR A 7 -0.05 4.07 5.21
C THR A 7 -0.70 4.15 3.83
N THR A 8 -0.78 5.35 3.28
CA THR A 8 -1.39 5.54 1.97
C THR A 8 -0.66 4.74 0.91
N LEU A 9 0.66 4.75 1.00
CA LEU A 9 1.48 4.00 0.06
C LEU A 9 1.40 2.51 0.36
N THR A 10 1.39 2.16 1.65
CA THR A 10 1.28 0.78 2.06
C THR A 10 -0.05 0.18 1.61
N MET A 11 -1.05 1.06 1.49
CA MET A 11 -2.38 0.66 1.06
C MET A 11 -2.35 0.20 -0.38
N PHE A 12 -1.66 0.96 -1.21
CA PHE A 12 -1.55 0.61 -2.60
C PHE A 12 -0.64 -0.60 -2.73
N LEU A 13 0.38 -0.66 -1.89
CA LEU A 13 1.32 -1.78 -1.89
C LEU A 13 0.58 -3.07 -1.66
N LYS A 14 -0.34 -3.03 -0.69
CA LYS A 14 -1.16 -4.18 -0.36
C LYS A 14 -1.90 -4.66 -1.62
N GLU A 15 -2.50 -3.71 -2.31
CA GLU A 15 -3.28 -4.00 -3.52
C GLU A 15 -2.41 -4.54 -4.66
N MET A 16 -1.28 -3.89 -4.89
CA MET A 16 -0.38 -4.28 -5.97
C MET A 16 0.29 -5.63 -5.72
N GLN A 17 0.90 -5.77 -4.55
CA GLN A 17 1.59 -7.01 -4.20
C GLN A 17 0.65 -8.21 -4.21
N LEU A 18 -0.57 -8.01 -3.75
CA LEU A 18 -1.55 -9.08 -3.71
C LEU A 18 -1.94 -9.53 -5.12
N LYS A 19 -1.87 -8.61 -6.07
CA LYS A 19 -2.25 -8.91 -7.44
C LYS A 19 -1.06 -9.31 -8.33
N GLY A 20 0.14 -8.88 -7.97
CA GLY A 20 1.29 -9.22 -8.79
C GLY A 20 2.62 -8.92 -8.11
N LEU A 21 2.86 -9.58 -6.98
CA LEU A 21 4.12 -9.40 -6.24
C LEU A 21 5.29 -10.06 -6.99
N PRO A 22 5.19 -11.37 -7.34
CA PRO A 22 6.25 -12.08 -8.04
C PRO A 22 6.06 -12.05 -9.56
N GLY A 1 2.84 11.15 7.14
CA GLY A 1 1.86 11.91 6.34
C GLY A 1 0.63 12.27 7.15
N VAL A 2 -0.53 12.12 6.55
CA VAL A 2 -1.77 12.44 7.24
C VAL A 2 -2.83 11.42 6.84
N LYS A 3 -2.38 10.16 6.77
CA LYS A 3 -3.21 9.01 6.39
C LYS A 3 -3.42 8.99 4.88
N SER A 4 -3.86 10.12 4.34
CA SER A 4 -4.10 10.27 2.90
C SER A 4 -2.80 10.56 2.16
N SER A 5 -1.69 10.20 2.77
CA SER A 5 -0.37 10.41 2.18
C SER A 5 0.65 9.60 2.96
N GLU A 6 0.22 8.40 3.32
CA GLU A 6 1.05 7.51 4.12
C GLU A 6 0.36 6.16 4.25
N THR A 7 -0.82 6.18 4.83
CA THR A 7 -1.62 4.98 5.01
C THR A 7 -2.08 4.44 3.67
N THR A 8 -2.65 5.33 2.86
CA THR A 8 -3.13 4.97 1.53
C THR A 8 -1.99 4.40 0.69
N LEU A 9 -0.81 4.95 0.89
CA LEU A 9 0.39 4.52 0.17
C LEU A 9 0.71 3.07 0.50
N THR A 10 0.76 2.78 1.78
CA THR A 10 1.04 1.43 2.26
C THR A 10 -0.08 0.48 1.84
N MET A 11 -1.28 1.02 1.74
CA MET A 11 -2.45 0.23 1.35
C MET A 11 -2.38 -0.16 -0.11
N PHE A 12 -2.04 0.79 -0.96
CA PHE A 12 -1.94 0.51 -2.38
C PHE A 12 -0.77 -0.42 -2.63
N LEU A 13 0.29 -0.24 -1.84
CA LEU A 13 1.47 -1.07 -1.98
C LEU A 13 1.14 -2.53 -1.78
N LYS A 14 0.32 -2.82 -0.77
CA LYS A 14 -0.08 -4.19 -0.50
C LYS A 14 -0.99 -4.71 -1.61
N GLU A 15 -1.85 -3.84 -2.12
CA GLU A 15 -2.76 -4.21 -3.19
C GLU A 15 -1.95 -4.61 -4.42
N MET A 16 -1.00 -3.76 -4.78
CA MET A 16 -0.12 -4.02 -5.93
C MET A 16 0.72 -5.27 -5.71
N GLN A 17 1.16 -5.49 -4.48
CA GLN A 17 1.98 -6.66 -4.17
C GLN A 17 1.18 -7.95 -4.30
N LEU A 18 -0.06 -7.93 -3.84
CA LEU A 18 -0.92 -9.10 -3.90
C LEU A 18 -1.27 -9.47 -5.34
N LYS A 19 -1.51 -8.45 -6.16
CA LYS A 19 -1.88 -8.68 -7.56
C LYS A 19 -0.64 -8.94 -8.43
N GLY A 20 0.49 -8.41 -8.00
CA GLY A 20 1.73 -8.57 -8.74
C GLY A 20 2.35 -9.94 -8.56
N LEU A 21 2.33 -10.45 -7.34
CA LEU A 21 2.91 -11.75 -7.04
C LEU A 21 1.88 -12.85 -7.21
N PRO A 22 2.13 -13.80 -8.12
CA PRO A 22 1.25 -14.91 -8.39
C PRO A 22 1.52 -16.09 -7.46
N GLY A 1 -1.23 12.80 10.70
CA GLY A 1 0.21 12.63 11.03
C GLY A 1 0.60 11.17 11.06
N VAL A 2 1.73 10.86 10.42
CA VAL A 2 2.24 9.49 10.32
C VAL A 2 1.28 8.61 9.52
N LYS A 3 0.22 8.12 10.17
CA LYS A 3 -0.79 7.29 9.53
C LYS A 3 -1.69 8.13 8.61
N SER A 4 -1.05 8.93 7.78
CA SER A 4 -1.74 9.79 6.84
C SER A 4 -0.81 10.12 5.67
N SER A 5 0.45 9.69 5.81
CA SER A 5 1.47 9.91 4.81
C SER A 5 2.53 8.84 4.94
N GLU A 6 2.06 7.65 5.26
CA GLU A 6 2.93 6.50 5.47
C GLU A 6 2.12 5.21 5.32
N THR A 7 0.85 5.28 5.69
CA THR A 7 -0.04 4.13 5.58
C THR A 7 -0.82 4.18 4.26
N THR A 8 -1.10 5.39 3.79
CA THR A 8 -1.86 5.60 2.57
C THR A 8 -1.19 4.94 1.36
N LEU A 9 0.11 5.14 1.23
CA LEU A 9 0.84 4.57 0.12
C LEU A 9 1.04 3.07 0.32
N THR A 10 1.16 2.65 1.56
CA THR A 10 1.31 1.24 1.90
C THR A 10 -0.02 0.52 1.71
N MET A 11 -1.10 1.29 1.65
CA MET A 11 -2.43 0.74 1.46
C MET A 11 -2.56 0.18 0.06
N PHE A 12 -2.15 0.98 -0.92
CA PHE A 12 -2.20 0.53 -2.30
C PHE A 12 -1.12 -0.51 -2.51
N LEU A 13 -0.01 -0.35 -1.80
CA LEU A 13 1.11 -1.27 -1.90
C LEU A 13 0.67 -2.65 -1.48
N LYS A 14 -0.31 -2.70 -0.59
CA LYS A 14 -0.83 -3.95 -0.10
C LYS A 14 -1.51 -4.73 -1.21
N GLU A 15 -2.32 -4.04 -2.00
CA GLU A 15 -3.03 -4.68 -3.10
C GLU A 15 -2.15 -4.84 -4.34
N MET A 16 -1.31 -3.85 -4.61
CA MET A 16 -0.41 -3.90 -5.77
C MET A 16 0.52 -5.10 -5.71
N GLN A 17 1.12 -5.31 -4.56
CA GLN A 17 2.05 -6.42 -4.38
C GLN A 17 1.37 -7.78 -4.50
N LEU A 18 0.12 -7.89 -4.04
CA LEU A 18 -0.58 -9.17 -4.13
C LEU A 18 -0.98 -9.45 -5.57
N LYS A 19 -1.19 -8.40 -6.36
CA LYS A 19 -1.56 -8.55 -7.77
C LYS A 19 -0.35 -8.97 -8.59
N GLY A 20 0.83 -8.51 -8.17
CA GLY A 20 2.05 -8.82 -8.87
C GLY A 20 2.61 -10.19 -8.50
N LEU A 21 2.35 -10.61 -7.27
CA LEU A 21 2.84 -11.90 -6.78
C LEU A 21 2.08 -13.06 -7.44
N PRO A 22 2.81 -13.95 -8.13
CA PRO A 22 2.24 -15.10 -8.80
C PRO A 22 2.11 -16.31 -7.87
N GLY A 1 0.24 12.76 7.80
CA GLY A 1 0.95 12.89 9.09
C GLY A 1 1.18 11.54 9.74
N VAL A 2 1.98 10.71 9.08
CA VAL A 2 2.28 9.36 9.54
C VAL A 2 1.04 8.49 9.41
N LYS A 3 0.26 8.37 10.47
CA LYS A 3 -0.97 7.59 10.44
C LYS A 3 -2.08 8.38 9.74
N SER A 4 -1.69 8.99 8.63
CA SER A 4 -2.59 9.80 7.81
C SER A 4 -1.86 10.14 6.52
N SER A 5 -1.10 9.17 6.03
CA SER A 5 -0.30 9.31 4.81
C SER A 5 0.41 8.01 4.50
N GLU A 6 1.01 7.45 5.53
CA GLU A 6 1.76 6.20 5.42
C GLU A 6 0.83 5.02 5.14
N THR A 7 -0.31 5.00 5.80
CA THR A 7 -1.27 3.91 5.65
C THR A 7 -1.86 3.86 4.24
N THR A 8 -2.21 5.02 3.69
CA THR A 8 -2.81 5.06 2.36
C THR A 8 -1.82 4.57 1.29
N LEU A 9 -0.54 4.91 1.44
CA LEU A 9 0.46 4.48 0.47
C LEU A 9 0.75 2.99 0.63
N THR A 10 0.83 2.53 1.87
CA THR A 10 1.09 1.12 2.14
C THR A 10 -0.14 0.28 1.76
N MET A 11 -1.29 0.92 1.70
CA MET A 11 -2.52 0.25 1.36
C MET A 11 -2.53 -0.13 -0.11
N PHE A 12 -2.21 0.82 -0.96
CA PHE A 12 -2.18 0.56 -2.38
C PHE A 12 -1.01 -0.35 -2.70
N LEU A 13 0.08 -0.17 -1.97
CA LEU A 13 1.28 -0.96 -2.18
C LEU A 13 1.02 -2.40 -1.81
N LYS A 14 0.25 -2.60 -0.74
CA LYS A 14 -0.05 -3.94 -0.28
C LYS A 14 -0.86 -4.69 -1.32
N GLU A 15 -1.82 -4.01 -1.92
CA GLU A 15 -2.67 -4.62 -2.94
C GLU A 15 -1.93 -4.79 -4.26
N MET A 16 -1.25 -3.73 -4.71
CA MET A 16 -0.53 -3.78 -5.98
C MET A 16 0.51 -4.89 -5.99
N GLN A 17 1.23 -5.03 -4.90
CA GLN A 17 2.24 -6.07 -4.76
C GLN A 17 1.56 -7.44 -4.74
N LEU A 18 0.37 -7.49 -4.18
CA LEU A 18 -0.41 -8.73 -4.11
C LEU A 18 -0.89 -9.15 -5.50
N LYS A 19 -1.22 -8.17 -6.33
CA LYS A 19 -1.68 -8.44 -7.69
C LYS A 19 -0.61 -9.13 -8.51
N GLY A 20 0.64 -8.77 -8.24
CA GLY A 20 1.76 -9.35 -8.96
C GLY A 20 2.22 -10.67 -8.38
N LEU A 21 2.07 -10.83 -7.08
CA LEU A 21 2.50 -12.05 -6.40
C LEU A 21 1.51 -13.19 -6.63
N PRO A 22 1.97 -14.28 -7.27
CA PRO A 22 1.14 -15.45 -7.56
C PRO A 22 1.13 -16.45 -6.40
N GLY A 1 1.39 13.71 8.16
CA GLY A 1 0.70 13.08 9.31
C GLY A 1 1.27 11.71 9.60
N VAL A 2 0.40 10.73 9.75
CA VAL A 2 0.84 9.36 10.01
C VAL A 2 0.11 8.37 9.09
N LYS A 3 -1.20 8.28 9.21
CA LYS A 3 -1.97 7.38 8.36
C LYS A 3 -2.31 8.04 7.03
N SER A 4 -2.67 9.32 7.09
CA SER A 4 -3.03 10.08 5.91
C SER A 4 -1.81 10.64 5.19
N SER A 5 -0.72 9.88 5.22
CA SER A 5 0.52 10.29 4.56
C SER A 5 1.55 9.18 4.63
N GLU A 6 1.06 7.95 4.66
CA GLU A 6 1.92 6.78 4.70
C GLU A 6 1.09 5.51 4.59
N THR A 7 0.25 5.28 5.59
CA THR A 7 -0.63 4.11 5.62
C THR A 7 -1.42 3.97 4.33
N THR A 8 -1.92 5.09 3.83
CA THR A 8 -2.69 5.11 2.60
C THR A 8 -1.86 4.59 1.42
N LEU A 9 -0.59 4.92 1.42
CA LEU A 9 0.32 4.48 0.37
C LEU A 9 0.65 3.02 0.57
N THR A 10 0.92 2.64 1.81
CA THR A 10 1.23 1.25 2.14
C THR A 10 0.04 0.35 1.75
N MET A 11 -1.16 0.92 1.82
CA MET A 11 -2.37 0.20 1.50
C MET A 11 -2.44 -0.08 0.01
N PHE A 12 -2.07 0.89 -0.80
CA PHE A 12 -2.09 0.71 -2.23
C PHE A 12 -0.97 -0.25 -2.60
N LEU A 13 0.14 -0.14 -1.89
CA LEU A 13 1.29 -0.97 -2.12
C LEU A 13 0.96 -2.44 -1.92
N LYS A 14 0.38 -2.78 -0.77
CA LYS A 14 0.01 -4.16 -0.49
C LYS A 14 -1.01 -4.66 -1.51
N GLU A 15 -1.89 -3.77 -1.96
CA GLU A 15 -2.91 -4.13 -2.93
C GLU A 15 -2.28 -4.47 -4.28
N MET A 16 -1.38 -3.61 -4.74
CA MET A 16 -0.71 -3.82 -6.02
C MET A 16 0.25 -5.00 -5.97
N GLN A 17 0.99 -5.11 -4.87
CA GLN A 17 1.95 -6.19 -4.70
C GLN A 17 1.28 -7.55 -4.73
N LEU A 18 0.10 -7.64 -4.10
CA LEU A 18 -0.65 -8.89 -4.08
C LEU A 18 -1.09 -9.31 -5.48
N LYS A 19 -1.15 -8.36 -6.40
CA LYS A 19 -1.54 -8.64 -7.78
C LYS A 19 -0.36 -9.21 -8.56
N GLY A 20 0.84 -8.78 -8.18
CA GLY A 20 2.04 -9.25 -8.85
C GLY A 20 2.52 -10.60 -8.33
N LEU A 21 2.27 -10.86 -7.05
CA LEU A 21 2.68 -12.10 -6.42
C LEU A 21 1.83 -13.28 -6.91
N PRO A 22 2.48 -14.33 -7.44
CA PRO A 22 1.81 -15.52 -7.93
C PRO A 22 1.59 -16.55 -6.84
N GLY A 1 -2.13 13.89 12.19
CA GLY A 1 -2.66 12.79 11.35
C GLY A 1 -1.55 11.91 10.82
N VAL A 2 -1.85 10.64 10.58
CA VAL A 2 -0.85 9.71 10.07
C VAL A 2 -1.52 8.45 9.52
N LYS A 3 -2.50 7.93 10.26
CA LYS A 3 -3.23 6.73 9.83
C LYS A 3 -4.21 7.07 8.71
N SER A 4 -3.67 7.59 7.62
CA SER A 4 -4.44 7.97 6.46
C SER A 4 -3.51 8.20 5.29
N SER A 5 -2.41 8.89 5.58
CA SER A 5 -1.38 9.16 4.58
C SER A 5 -0.51 7.94 4.42
N GLU A 6 0.00 7.49 5.54
CA GLU A 6 0.84 6.31 5.60
C GLU A 6 0.01 5.08 5.26
N THR A 7 -1.23 5.09 5.71
CA THR A 7 -2.13 3.99 5.47
C THR A 7 -2.51 3.86 4.00
N THR A 8 -2.77 4.98 3.33
CA THR A 8 -3.14 4.94 1.92
C THR A 8 -1.97 4.46 1.05
N LEU A 9 -0.74 4.84 1.40
CA LEU A 9 0.42 4.42 0.62
C LEU A 9 0.70 2.94 0.85
N THR A 10 0.55 2.50 2.09
CA THR A 10 0.77 1.10 2.42
C THR A 10 -0.33 0.24 1.80
N MET A 11 -1.49 0.86 1.60
CA MET A 11 -2.63 0.18 1.03
C MET A 11 -2.42 -0.06 -0.46
N PHE A 12 -1.88 0.93 -1.15
CA PHE A 12 -1.65 0.80 -2.58
C PHE A 12 -0.54 -0.20 -2.85
N LEU A 13 0.50 -0.19 -2.02
CA LEU A 13 1.59 -1.10 -2.21
C LEU A 13 1.14 -2.52 -1.94
N LYS A 14 0.32 -2.70 -0.93
CA LYS A 14 -0.24 -4.00 -0.59
C LYS A 14 -1.10 -4.50 -1.75
N GLU A 15 -1.90 -3.59 -2.28
CA GLU A 15 -2.82 -3.89 -3.37
C GLU A 15 -2.08 -4.43 -4.59
N MET A 16 -1.06 -3.71 -5.02
CA MET A 16 -0.29 -4.10 -6.20
C MET A 16 0.62 -5.29 -5.94
N GLN A 17 1.21 -5.37 -4.76
CA GLN A 17 2.12 -6.47 -4.45
C GLN A 17 1.37 -7.78 -4.27
N LEU A 18 0.23 -7.74 -3.62
CA LEU A 18 -0.56 -8.95 -3.41
C LEU A 18 -1.08 -9.45 -4.74
N LYS A 19 -1.50 -8.50 -5.57
CA LYS A 19 -2.02 -8.81 -6.88
C LYS A 19 -0.95 -8.67 -7.95
N GLY A 20 0.31 -8.86 -7.56
CA GLY A 20 1.41 -8.75 -8.50
C GLY A 20 2.44 -9.83 -8.26
N LEU A 21 2.02 -10.89 -7.59
CA LEU A 21 2.90 -12.02 -7.30
C LEU A 21 2.74 -13.15 -8.33
N PRO A 22 1.49 -13.63 -8.58
CA PRO A 22 1.25 -14.70 -9.54
C PRO A 22 1.10 -14.17 -10.98
N GLY A 1 0.10 14.15 10.82
CA GLY A 1 0.45 12.75 11.19
C GLY A 1 1.24 12.07 10.10
N VAL A 2 2.08 11.12 10.46
CA VAL A 2 2.89 10.41 9.47
C VAL A 2 2.18 9.15 8.99
N LYS A 3 1.89 8.24 9.91
CA LYS A 3 1.20 7.00 9.58
C LYS A 3 -0.30 7.23 9.50
N SER A 4 -0.67 8.22 8.72
CA SER A 4 -2.05 8.60 8.48
C SER A 4 -2.22 8.86 7.00
N SER A 5 -1.14 9.37 6.40
CA SER A 5 -1.10 9.64 4.98
C SER A 5 -0.40 8.47 4.30
N GLU A 6 0.68 8.05 4.94
CA GLU A 6 1.48 6.91 4.50
C GLU A 6 0.60 5.67 4.36
N THR A 7 -0.41 5.61 5.21
CA THR A 7 -1.37 4.52 5.23
C THR A 7 -1.97 4.27 3.85
N THR A 8 -2.32 5.36 3.16
CA THR A 8 -2.91 5.26 1.84
C THR A 8 -1.91 4.67 0.85
N LEU A 9 -0.65 5.06 0.98
CA LEU A 9 0.40 4.56 0.10
C LEU A 9 0.70 3.10 0.37
N THR A 10 0.83 2.75 1.65
CA THR A 10 1.11 1.37 2.02
C THR A 10 -0.10 0.48 1.71
N MET A 11 -1.28 1.09 1.64
CA MET A 11 -2.50 0.35 1.33
C MET A 11 -2.47 -0.09 -0.11
N PHE A 12 -2.12 0.83 -1.00
CA PHE A 12 -2.05 0.50 -2.41
C PHE A 12 -0.87 -0.43 -2.64
N LEU A 13 0.19 -0.22 -1.85
CA LEU A 13 1.38 -1.03 -1.95
C LEU A 13 1.02 -2.48 -1.70
N LYS A 14 0.30 -2.70 -0.61
CA LYS A 14 -0.15 -4.04 -0.25
C LYS A 14 -0.99 -4.65 -1.37
N GLU A 15 -1.86 -3.84 -1.96
CA GLU A 15 -2.71 -4.28 -3.06
C GLU A 15 -1.87 -4.69 -4.26
N MET A 16 -0.91 -3.86 -4.62
CA MET A 16 -0.04 -4.10 -5.75
C MET A 16 0.77 -5.39 -5.57
N GLN A 17 1.19 -5.64 -4.35
CA GLN A 17 1.98 -6.84 -4.05
C GLN A 17 1.19 -8.11 -4.33
N LEU A 18 -0.06 -8.15 -3.88
CA LEU A 18 -0.89 -9.32 -4.11
C LEU A 18 -1.33 -9.40 -5.58
N LYS A 19 -1.43 -8.24 -6.21
CA LYS A 19 -1.82 -8.17 -7.61
C LYS A 19 -0.71 -8.67 -8.52
N GLY A 20 0.53 -8.36 -8.16
CA GLY A 20 1.66 -8.80 -8.96
C GLY A 20 2.50 -9.84 -8.27
N LEU A 21 1.83 -10.69 -7.50
CA LEU A 21 2.49 -11.75 -6.76
C LEU A 21 2.80 -12.97 -7.66
N PRO A 22 1.80 -13.52 -8.40
CA PRO A 22 2.02 -14.67 -9.26
C PRO A 22 2.56 -14.28 -10.64
N GLY A 1 -0.39 6.39 17.16
CA GLY A 1 -0.91 6.62 15.79
C GLY A 1 -1.12 5.30 15.07
N VAL A 2 -1.06 5.33 13.74
CA VAL A 2 -1.24 4.13 12.93
C VAL A 2 -0.67 4.35 11.52
N LYS A 3 0.62 4.67 11.47
CA LYS A 3 1.32 4.93 10.21
C LYS A 3 0.64 6.06 9.44
N SER A 4 0.38 7.15 10.14
CA SER A 4 -0.27 8.31 9.55
C SER A 4 0.57 8.89 8.43
N SER A 5 -0.11 9.36 7.38
CA SER A 5 0.53 9.95 6.19
C SER A 5 1.43 8.94 5.51
N GLU A 6 0.98 7.71 5.53
CA GLU A 6 1.71 6.60 4.94
C GLU A 6 0.74 5.46 4.66
N THR A 7 -0.27 5.35 5.51
CA THR A 7 -1.29 4.32 5.42
C THR A 7 -1.81 4.13 4.00
N THR A 8 -2.21 5.23 3.37
CA THR A 8 -2.74 5.20 2.01
C THR A 8 -1.72 4.64 1.04
N LEU A 9 -0.45 4.99 1.24
CA LEU A 9 0.62 4.52 0.38
C LEU A 9 0.86 3.03 0.60
N THR A 10 0.95 2.63 1.86
CA THR A 10 1.17 1.25 2.21
C THR A 10 -0.02 0.38 1.78
N MET A 11 -1.20 1.00 1.73
CA MET A 11 -2.42 0.32 1.33
C MET A 11 -2.39 -0.02 -0.15
N PHE A 12 -2.03 0.95 -0.97
CA PHE A 12 -1.98 0.73 -2.40
C PHE A 12 -0.87 -0.26 -2.71
N LEU A 13 0.19 -0.18 -1.91
CA LEU A 13 1.33 -1.06 -2.07
C LEU A 13 0.92 -2.51 -1.87
N LYS A 14 0.23 -2.77 -0.75
CA LYS A 14 -0.21 -4.12 -0.46
C LYS A 14 -1.14 -4.64 -1.55
N GLU A 15 -1.99 -3.74 -2.05
CA GLU A 15 -2.94 -4.07 -3.10
C GLU A 15 -2.21 -4.54 -4.37
N MET A 16 -1.25 -3.76 -4.83
CA MET A 16 -0.50 -4.10 -6.04
C MET A 16 0.40 -5.32 -5.85
N GLN A 17 0.96 -5.49 -4.66
CA GLN A 17 1.85 -6.63 -4.39
C GLN A 17 1.09 -7.95 -4.48
N LEU A 18 -0.12 -7.96 -3.93
CA LEU A 18 -0.95 -9.17 -3.95
C LEU A 18 -1.32 -9.51 -5.38
N LYS A 19 -1.51 -8.47 -6.18
CA LYS A 19 -1.88 -8.63 -7.58
C LYS A 19 -0.63 -8.57 -8.46
N GLY A 20 0.52 -8.83 -7.89
CA GLY A 20 1.76 -8.79 -8.64
C GLY A 20 2.57 -10.06 -8.49
N LEU A 21 2.68 -10.56 -7.27
CA LEU A 21 3.44 -11.77 -7.00
C LEU A 21 2.52 -12.99 -7.02
N PRO A 22 2.81 -13.96 -7.89
CA PRO A 22 2.02 -15.18 -8.01
C PRO A 22 2.47 -16.27 -7.04
N GLY A 1 -2.36 13.54 8.17
CA GLY A 1 -3.41 12.55 8.52
C GLY A 1 -2.86 11.49 9.46
N VAL A 2 -3.72 10.96 10.33
CA VAL A 2 -3.29 9.93 11.28
C VAL A 2 -2.93 8.64 10.58
N LYS A 3 -3.71 8.26 9.59
CA LYS A 3 -3.46 7.04 8.83
C LYS A 3 -3.75 7.27 7.36
N SER A 4 -3.31 8.42 6.88
CA SER A 4 -3.50 8.79 5.49
C SER A 4 -2.24 9.42 4.92
N SER A 5 -1.20 9.46 5.75
CA SER A 5 0.08 10.01 5.34
C SER A 5 0.97 8.91 4.81
N GLU A 6 0.89 7.75 5.45
CA GLU A 6 1.69 6.60 5.06
C GLU A 6 0.80 5.38 4.83
N THR A 7 -0.12 5.16 5.75
CA THR A 7 -1.04 4.02 5.71
C THR A 7 -1.69 3.85 4.34
N THR A 8 -2.23 4.93 3.79
CA THR A 8 -2.89 4.88 2.49
C THR A 8 -1.90 4.41 1.40
N LEU A 9 -0.67 4.85 1.54
CA LEU A 9 0.40 4.50 0.61
C LEU A 9 0.70 3.01 0.70
N THR A 10 0.94 2.54 1.91
CA THR A 10 1.23 1.14 2.16
C THR A 10 0.05 0.26 1.77
N MET A 11 -1.16 0.84 1.83
CA MET A 11 -2.37 0.13 1.50
C MET A 11 -2.45 -0.13 0.01
N PHE A 12 -2.13 0.88 -0.78
CA PHE A 12 -2.17 0.73 -2.22
C PHE A 12 -1.02 -0.18 -2.64
N LEU A 13 0.10 -0.04 -1.93
CA LEU A 13 1.28 -0.83 -2.20
C LEU A 13 1.02 -2.31 -2.01
N LYS A 14 0.47 -2.68 -0.85
CA LYS A 14 0.18 -4.09 -0.58
C LYS A 14 -0.83 -4.62 -1.58
N GLU A 15 -1.77 -3.78 -2.00
CA GLU A 15 -2.79 -4.19 -2.95
C GLU A 15 -2.19 -4.50 -4.31
N MET A 16 -1.33 -3.62 -4.80
CA MET A 16 -0.71 -3.82 -6.11
C MET A 16 0.24 -5.03 -6.08
N GLN A 17 1.00 -5.12 -5.00
CA GLN A 17 1.94 -6.21 -4.82
C GLN A 17 1.23 -7.56 -4.79
N LEU A 18 0.05 -7.59 -4.18
CA LEU A 18 -0.74 -8.82 -4.09
C LEU A 18 -1.20 -9.29 -5.47
N LYS A 19 -1.24 -8.37 -6.44
CA LYS A 19 -1.65 -8.72 -7.79
C LYS A 19 -0.50 -9.36 -8.55
N GLY A 20 0.71 -8.89 -8.28
CA GLY A 20 1.89 -9.41 -8.94
C GLY A 20 2.40 -10.70 -8.34
N LEU A 21 2.42 -10.76 -7.01
CA LEU A 21 2.91 -11.95 -6.31
C LEU A 21 1.82 -13.00 -6.20
N PRO A 22 2.09 -14.20 -6.74
CA PRO A 22 1.15 -15.32 -6.71
C PRO A 22 1.30 -16.17 -5.45
N GLY A 1 -2.96 17.70 7.41
CA GLY A 1 -3.14 16.28 7.00
C GLY A 1 -1.83 15.51 7.05
N VAL A 2 -1.91 14.22 7.27
CA VAL A 2 -0.71 13.38 7.33
C VAL A 2 -1.10 11.90 7.30
N LYS A 3 -2.08 11.53 8.13
CA LYS A 3 -2.57 10.16 8.17
C LYS A 3 -3.53 9.88 7.01
N SER A 4 -3.17 10.42 5.85
CA SER A 4 -3.95 10.26 4.64
C SER A 4 -3.01 10.25 3.45
N SER A 5 -1.78 9.81 3.72
CA SER A 5 -0.74 9.73 2.71
C SER A 5 0.39 8.87 3.26
N GLU A 6 0.70 9.12 4.52
CA GLU A 6 1.72 8.41 5.27
C GLU A 6 1.39 6.92 5.37
N THR A 7 0.12 6.57 5.22
CA THR A 7 -0.31 5.19 5.32
C THR A 7 -0.99 4.69 4.04
N THR A 8 -1.61 5.59 3.29
CA THR A 8 -2.30 5.21 2.06
C THR A 8 -1.35 4.58 1.04
N LEU A 9 -0.09 5.01 1.04
CA LEU A 9 0.89 4.48 0.12
C LEU A 9 1.12 2.99 0.39
N THR A 10 1.11 2.62 1.66
CA THR A 10 1.29 1.23 2.07
C THR A 10 0.01 0.44 1.77
N MET A 11 -1.11 1.14 1.73
CA MET A 11 -2.40 0.54 1.46
C MET A 11 -2.47 0.08 0.02
N PHE A 12 -2.09 0.95 -0.89
CA PHE A 12 -2.10 0.61 -2.30
C PHE A 12 -1.03 -0.43 -2.57
N LEU A 13 0.05 -0.35 -1.80
CA LEU A 13 1.17 -1.26 -1.94
C LEU A 13 0.73 -2.69 -1.68
N LYS A 14 -0.12 -2.87 -0.68
CA LYS A 14 -0.63 -4.20 -0.36
C LYS A 14 -1.38 -4.79 -1.54
N GLU A 15 -2.25 -3.98 -2.13
CA GLU A 15 -3.04 -4.40 -3.28
C GLU A 15 -2.15 -4.74 -4.48
N MET A 16 -1.26 -3.82 -4.82
CA MET A 16 -0.37 -4.01 -5.96
C MET A 16 0.54 -5.22 -5.78
N GLN A 17 1.11 -5.36 -4.59
CA GLN A 17 2.00 -6.47 -4.30
C GLN A 17 1.27 -7.81 -4.37
N LEU A 18 0.00 -7.84 -3.98
CA LEU A 18 -0.78 -9.07 -4.02
C LEU A 18 -1.13 -9.43 -5.46
N LYS A 19 -1.45 -8.43 -6.26
CA LYS A 19 -1.80 -8.65 -7.66
C LYS A 19 -0.57 -9.04 -8.48
N GLY A 20 0.57 -8.46 -8.14
CA GLY A 20 1.80 -8.76 -8.84
C GLY A 20 2.67 -9.70 -8.06
N LEU A 21 2.04 -10.59 -7.33
CA LEU A 21 2.75 -11.57 -6.51
C LEU A 21 3.14 -12.83 -7.32
N PRO A 22 2.18 -13.46 -8.05
CA PRO A 22 2.46 -14.66 -8.85
C PRO A 22 3.11 -14.33 -10.18
N GLY A 1 -0.99 16.75 9.02
CA GLY A 1 -1.35 15.47 8.35
C GLY A 1 -0.15 14.55 8.31
N VAL A 2 -0.41 13.25 8.23
CA VAL A 2 0.66 12.25 8.18
C VAL A 2 0.12 10.90 7.73
N LYS A 3 -0.97 10.46 8.37
CA LYS A 3 -1.59 9.18 8.02
C LYS A 3 -2.19 9.25 6.61
N SER A 4 -2.60 10.45 6.23
CA SER A 4 -3.20 10.71 4.92
C SER A 4 -2.15 10.68 3.79
N SER A 5 -1.11 9.90 3.98
CA SER A 5 -0.05 9.76 3.00
C SER A 5 0.80 8.55 3.36
N GLU A 6 1.25 8.52 4.60
CA GLU A 6 2.06 7.43 5.13
C GLU A 6 1.31 6.10 5.06
N THR A 7 0.01 6.13 5.34
CA THR A 7 -0.80 4.93 5.31
C THR A 7 -1.35 4.63 3.91
N THR A 8 -1.73 5.68 3.20
CA THR A 8 -2.32 5.54 1.87
C THR A 8 -1.36 4.84 0.88
N LEU A 9 -0.07 5.10 1.02
CA LEU A 9 0.91 4.47 0.13
C LEU A 9 1.03 2.98 0.45
N THR A 10 0.98 2.67 1.74
CA THR A 10 1.06 1.31 2.20
C THR A 10 -0.19 0.53 1.82
N MET A 11 -1.27 1.28 1.59
CA MET A 11 -2.55 0.69 1.22
C MET A 11 -2.50 0.18 -0.21
N PHE A 12 -2.03 1.01 -1.12
CA PHE A 12 -1.93 0.62 -2.50
C PHE A 12 -0.86 -0.45 -2.66
N LEU A 13 0.17 -0.34 -1.84
CA LEU A 13 1.28 -1.29 -1.88
C LEU A 13 0.81 -2.67 -1.48
N LYS A 14 -0.12 -2.71 -0.54
CA LYS A 14 -0.65 -3.97 -0.06
C LYS A 14 -1.41 -4.70 -1.16
N GLU A 15 -2.19 -3.96 -1.93
CA GLU A 15 -2.98 -4.54 -3.00
C GLU A 15 -2.13 -4.81 -4.25
N MET A 16 -1.28 -3.86 -4.59
CA MET A 16 -0.43 -3.98 -5.76
C MET A 16 0.47 -5.20 -5.68
N GLN A 17 1.08 -5.40 -4.53
CA GLN A 17 1.99 -6.53 -4.33
C GLN A 17 1.27 -7.88 -4.41
N LEU A 18 0.02 -7.94 -3.96
CA LEU A 18 -0.72 -9.20 -4.03
C LEU A 18 -1.16 -9.48 -5.46
N LYS A 19 -1.35 -8.42 -6.23
CA LYS A 19 -1.75 -8.55 -7.62
C LYS A 19 -0.57 -8.92 -8.51
N GLY A 20 0.62 -8.49 -8.13
CA GLY A 20 1.80 -8.76 -8.93
C GLY A 20 2.70 -9.81 -8.33
N LEU A 21 2.13 -10.73 -7.56
CA LEU A 21 2.92 -11.80 -6.94
C LEU A 21 2.92 -13.09 -7.79
N PRO A 22 1.79 -13.48 -8.45
CA PRO A 22 1.75 -14.71 -9.26
C PRO A 22 2.40 -14.52 -10.63
N GLY A 1 6.75 5.16 9.07
CA GLY A 1 5.84 6.09 9.79
C GLY A 1 4.42 5.57 9.85
N VAL A 2 3.96 5.03 8.73
CA VAL A 2 2.62 4.45 8.61
C VAL A 2 1.52 5.47 8.92
N LYS A 3 1.03 5.45 10.15
CA LYS A 3 -0.04 6.33 10.61
C LYS A 3 0.23 7.81 10.35
N SER A 4 1.49 8.19 10.25
CA SER A 4 1.85 9.58 10.01
C SER A 4 1.31 10.10 8.67
N SER A 5 1.64 9.38 7.61
CA SER A 5 1.23 9.74 6.25
C SER A 5 1.88 8.79 5.27
N GLU A 6 2.01 7.55 5.70
CA GLU A 6 2.68 6.54 4.93
C GLU A 6 1.81 5.29 4.82
N THR A 7 0.82 5.20 5.68
CA THR A 7 -0.10 4.08 5.70
C THR A 7 -0.91 4.03 4.40
N THR A 8 -1.16 5.20 3.82
CA THR A 8 -1.91 5.28 2.58
C THR A 8 -1.09 4.73 1.41
N LEU A 9 0.20 5.08 1.38
CA LEU A 9 1.09 4.60 0.33
C LEU A 9 1.34 3.11 0.49
N THR A 10 1.45 2.68 1.74
CA THR A 10 1.66 1.27 2.05
C THR A 10 0.38 0.47 1.80
N MET A 11 -0.74 1.19 1.71
CA MET A 11 -2.04 0.56 1.50
C MET A 11 -2.19 0.12 0.05
N PHE A 12 -1.82 1.00 -0.88
CA PHE A 12 -1.92 0.66 -2.29
C PHE A 12 -0.96 -0.46 -2.63
N LEU A 13 0.13 -0.52 -1.86
CA LEU A 13 1.15 -1.53 -2.05
C LEU A 13 0.58 -2.92 -1.82
N LYS A 14 -0.30 -3.04 -0.85
CA LYS A 14 -0.92 -4.34 -0.54
C LYS A 14 -1.71 -4.84 -1.74
N GLU A 15 -2.52 -3.96 -2.30
CA GLU A 15 -3.34 -4.30 -3.46
C GLU A 15 -2.47 -4.71 -4.65
N MET A 16 -1.47 -3.88 -4.95
CA MET A 16 -0.58 -4.15 -6.07
C MET A 16 0.23 -5.42 -5.87
N GLN A 17 0.73 -5.61 -4.66
CA GLN A 17 1.53 -6.80 -4.34
C GLN A 17 0.68 -8.06 -4.41
N LEU A 18 -0.61 -7.94 -4.10
CA LEU A 18 -1.50 -9.09 -4.15
C LEU A 18 -1.64 -9.59 -5.57
N LYS A 19 -1.88 -8.67 -6.50
CA LYS A 19 -2.02 -9.03 -7.91
C LYS A 19 -0.70 -8.82 -8.65
N GLY A 20 0.41 -8.93 -7.91
CA GLY A 20 1.72 -8.75 -8.50
C GLY A 20 2.81 -9.21 -7.56
N LEU A 21 2.69 -10.44 -7.07
CA LEU A 21 3.66 -11.01 -6.14
C LEU A 21 4.94 -11.38 -6.89
N PRO A 22 6.10 -10.91 -6.42
CA PRO A 22 7.39 -11.20 -7.04
C PRO A 22 7.96 -12.54 -6.58
N GLY A 1 2.23 13.28 11.10
CA GLY A 1 1.46 12.45 10.15
C GLY A 1 1.91 11.01 10.20
N VAL A 2 1.03 10.09 9.80
CA VAL A 2 1.35 8.67 9.81
C VAL A 2 0.34 7.89 8.96
N LYS A 3 -0.89 7.78 9.43
CA LYS A 3 -1.92 7.06 8.70
C LYS A 3 -2.25 7.78 7.39
N SER A 4 -2.20 9.10 7.43
CA SER A 4 -2.50 9.92 6.26
C SER A 4 -1.22 10.34 5.52
N SER A 5 -0.14 9.59 5.70
CA SER A 5 1.12 9.91 5.04
C SER A 5 2.06 8.72 5.10
N GLU A 6 1.48 7.54 5.06
CA GLU A 6 2.23 6.30 5.11
C GLU A 6 1.30 5.13 4.84
N THR A 7 0.41 4.88 5.78
CA THR A 7 -0.53 3.78 5.70
C THR A 7 -1.33 3.79 4.40
N THR A 8 -1.80 4.95 4.00
CA THR A 8 -2.57 5.09 2.77
C THR A 8 -1.75 4.64 1.55
N LEU A 9 -0.44 4.88 1.59
CA LEU A 9 0.42 4.49 0.49
C LEU A 9 0.70 3.00 0.57
N THR A 10 1.08 2.56 1.76
CA THR A 10 1.38 1.15 2.01
C THR A 10 0.15 0.28 1.72
N MET A 11 -1.04 0.89 1.82
CA MET A 11 -2.28 0.17 1.57
C MET A 11 -2.43 -0.16 0.11
N PHE A 12 -2.20 0.84 -0.74
CA PHE A 12 -2.30 0.63 -2.16
C PHE A 12 -1.15 -0.26 -2.61
N LEU A 13 0.00 -0.07 -1.97
CA LEU A 13 1.18 -0.85 -2.26
C LEU A 13 0.90 -2.32 -1.99
N LYS A 14 0.31 -2.60 -0.84
CA LYS A 14 -0.01 -3.96 -0.46
C LYS A 14 -0.92 -4.62 -1.50
N GLU A 15 -1.98 -3.91 -1.88
CA GLU A 15 -2.94 -4.41 -2.85
C GLU A 15 -2.29 -4.62 -4.22
N MET A 16 -1.45 -3.68 -4.63
CA MET A 16 -0.78 -3.76 -5.91
C MET A 16 0.23 -4.90 -5.96
N GLN A 17 0.99 -5.05 -4.89
CA GLN A 17 1.98 -6.12 -4.82
C GLN A 17 1.30 -7.49 -4.87
N LEU A 18 0.10 -7.56 -4.30
CA LEU A 18 -0.68 -8.80 -4.29
C LEU A 18 -1.07 -9.22 -5.71
N LYS A 19 -1.10 -8.25 -6.62
CA LYS A 19 -1.45 -8.53 -8.01
C LYS A 19 -0.32 -9.28 -8.70
N GLY A 20 0.91 -8.92 -8.34
CA GLY A 20 2.08 -9.54 -8.93
C GLY A 20 2.51 -10.80 -8.19
N LEU A 21 2.27 -10.82 -6.89
CA LEU A 21 2.64 -11.95 -6.05
C LEU A 21 1.74 -13.16 -6.31
N PRO A 22 2.35 -14.29 -6.73
CA PRO A 22 1.62 -15.52 -7.00
C PRO A 22 1.43 -16.37 -5.75
N GLY A 1 2.54 16.08 5.13
CA GLY A 1 1.49 15.36 5.90
C GLY A 1 2.07 14.21 6.68
N VAL A 2 1.35 13.09 6.72
CA VAL A 2 1.82 11.91 7.44
C VAL A 2 1.17 10.65 6.87
N LYS A 3 -0.15 10.57 6.96
CA LYS A 3 -0.87 9.42 6.43
C LYS A 3 -0.77 9.39 4.90
N SER A 4 -0.85 10.57 4.32
CA SER A 4 -0.73 10.72 2.87
C SER A 4 0.73 10.65 2.43
N SER A 5 1.47 9.69 2.98
CA SER A 5 2.87 9.50 2.66
C SER A 5 3.40 8.24 3.35
N GLU A 6 2.88 7.98 4.54
CA GLU A 6 3.27 6.84 5.36
C GLU A 6 2.31 5.65 5.16
N THR A 7 1.06 5.94 4.89
CA THR A 7 0.06 4.89 4.72
C THR A 7 -0.39 4.73 3.27
N THR A 8 -0.42 5.83 2.53
CA THR A 8 -0.89 5.80 1.14
C THR A 8 -0.10 4.81 0.29
N LEU A 9 1.20 4.75 0.50
CA LEU A 9 2.05 3.84 -0.25
C LEU A 9 1.78 2.39 0.16
N THR A 10 1.57 2.19 1.46
CA THR A 10 1.28 0.87 1.99
C THR A 10 -0.11 0.41 1.54
N MET A 11 -0.96 1.38 1.25
CA MET A 11 -2.32 1.11 0.82
C MET A 11 -2.31 0.52 -0.57
N PHE A 12 -1.50 1.06 -1.43
CA PHE A 12 -1.43 0.54 -2.78
C PHE A 12 -0.67 -0.78 -2.75
N LEU A 13 0.30 -0.87 -1.84
CA LEU A 13 1.11 -2.07 -1.69
C LEU A 13 0.27 -3.29 -1.28
N LYS A 14 -0.61 -3.13 -0.30
CA LYS A 14 -1.44 -4.24 0.17
C LYS A 14 -2.26 -4.87 -0.95
N GLU A 15 -2.59 -4.12 -1.98
CA GLU A 15 -3.37 -4.66 -3.08
C GLU A 15 -2.50 -5.04 -4.28
N MET A 16 -1.55 -4.17 -4.62
CA MET A 16 -0.67 -4.43 -5.76
C MET A 16 0.16 -5.70 -5.56
N GLN A 17 0.59 -5.95 -4.33
CA GLN A 17 1.38 -7.14 -4.04
C GLN A 17 0.56 -8.40 -4.28
N LEU A 18 -0.73 -8.34 -3.99
CA LEU A 18 -1.62 -9.47 -4.22
C LEU A 18 -1.86 -9.65 -5.71
N LYS A 19 -1.89 -8.53 -6.42
CA LYS A 19 -2.12 -8.53 -7.86
C LYS A 19 -0.88 -9.02 -8.62
N GLY A 20 0.30 -8.69 -8.11
CA GLY A 20 1.54 -9.08 -8.77
C GLY A 20 2.76 -8.59 -8.03
N LEU A 21 2.99 -9.18 -6.86
CA LEU A 21 4.14 -8.82 -6.02
C LEU A 21 5.46 -8.97 -6.77
N PRO A 22 6.22 -7.88 -6.88
CA PRO A 22 7.51 -7.87 -7.56
C PRO A 22 8.67 -8.20 -6.63
N GLY A 1 1.29 12.46 7.86
CA GLY A 1 1.98 11.57 8.83
C GLY A 1 1.66 10.12 8.58
N VAL A 2 1.50 9.35 9.65
CA VAL A 2 1.19 7.92 9.52
C VAL A 2 -0.18 7.72 8.86
N LYS A 3 -1.25 7.92 9.61
CA LYS A 3 -2.60 7.78 9.10
C LYS A 3 -3.00 9.02 8.32
N SER A 4 -2.21 9.38 7.35
CA SER A 4 -2.45 10.56 6.52
C SER A 4 -1.54 10.64 5.31
N SER A 5 -0.38 9.99 5.37
CA SER A 5 0.56 10.02 4.26
C SER A 5 1.58 8.90 4.40
N GLU A 6 1.06 7.72 4.69
CA GLU A 6 1.88 6.53 4.88
C GLU A 6 0.99 5.30 4.79
N THR A 7 -0.07 5.32 5.58
CA THR A 7 -1.01 4.21 5.61
C THR A 7 -1.64 3.98 4.24
N THR A 8 -2.07 5.08 3.63
CA THR A 8 -2.68 5.02 2.31
C THR A 8 -1.70 4.47 1.28
N LEU A 9 -0.44 4.84 1.43
CA LEU A 9 0.62 4.39 0.55
C LEU A 9 0.83 2.89 0.70
N THR A 10 0.96 2.47 1.94
CA THR A 10 1.14 1.07 2.27
C THR A 10 -0.08 0.24 1.83
N MET A 11 -1.23 0.91 1.74
CA MET A 11 -2.46 0.26 1.35
C MET A 11 -2.45 -0.06 -0.13
N PHE A 12 -2.08 0.91 -0.95
CA PHE A 12 -2.03 0.71 -2.38
C PHE A 12 -0.90 -0.26 -2.71
N LEU A 13 0.18 -0.14 -1.96
CA LEU A 13 1.34 -0.99 -2.15
C LEU A 13 0.97 -2.44 -1.90
N LYS A 14 0.13 -2.67 -0.90
CA LYS A 14 -0.31 -4.00 -0.58
C LYS A 14 -1.14 -4.57 -1.72
N GLU A 15 -2.04 -3.74 -2.24
CA GLU A 15 -2.92 -4.14 -3.33
C GLU A 15 -2.13 -4.54 -4.58
N MET A 16 -1.20 -3.70 -4.99
CA MET A 16 -0.41 -3.97 -6.20
C MET A 16 0.53 -5.16 -6.01
N GLN A 17 1.14 -5.26 -4.85
CA GLN A 17 2.07 -6.34 -4.58
C GLN A 17 1.34 -7.69 -4.49
N LEU A 18 0.16 -7.68 -3.88
CA LEU A 18 -0.62 -8.91 -3.75
C LEU A 18 -1.08 -9.43 -5.11
N LYS A 19 -1.43 -8.53 -6.02
CA LYS A 19 -1.88 -8.94 -7.35
C LYS A 19 -0.69 -9.23 -8.26
N GLY A 20 0.46 -8.66 -7.92
CA GLY A 20 1.65 -8.84 -8.72
C GLY A 20 2.34 -10.17 -8.46
N LEU A 21 2.45 -10.54 -7.20
CA LEU A 21 3.11 -11.79 -6.82
C LEU A 21 2.15 -12.97 -6.92
N PRO A 22 2.52 -13.98 -7.72
CA PRO A 22 1.71 -15.18 -7.92
C PRO A 22 2.00 -16.25 -6.86
N GLY A 1 -2.67 15.54 7.17
CA GLY A 1 -1.92 14.50 6.42
C GLY A 1 -1.77 13.22 7.22
N VAL A 2 -0.55 12.69 7.22
CA VAL A 2 -0.19 11.46 7.93
C VAL A 2 -0.73 10.25 7.16
N LYS A 3 -1.95 9.84 7.49
CA LYS A 3 -2.57 8.70 6.82
C LYS A 3 -2.71 8.96 5.32
N SER A 4 -2.95 10.23 4.97
CA SER A 4 -3.09 10.62 3.57
C SER A 4 -1.74 10.87 2.92
N SER A 5 -0.68 10.31 3.52
CA SER A 5 0.67 10.47 3.01
C SER A 5 1.58 9.39 3.58
N GLU A 6 0.96 8.27 3.92
CA GLU A 6 1.69 7.14 4.48
C GLU A 6 0.81 5.89 4.48
N THR A 7 -0.33 5.97 5.15
CA THR A 7 -1.26 4.85 5.22
C THR A 7 -1.79 4.49 3.84
N THR A 8 -2.21 5.49 3.10
CA THR A 8 -2.73 5.28 1.75
C THR A 8 -1.64 4.69 0.85
N LEU A 9 -0.39 5.00 1.17
CA LEU A 9 0.75 4.50 0.42
C LEU A 9 0.86 2.99 0.60
N THR A 10 0.86 2.57 1.86
CA THR A 10 0.93 1.16 2.19
C THR A 10 -0.33 0.44 1.72
N MET A 11 -1.41 1.20 1.55
CA MET A 11 -2.68 0.66 1.11
C MET A 11 -2.61 0.26 -0.36
N PHE A 12 -2.00 1.10 -1.17
CA PHE A 12 -1.88 0.77 -2.58
C PHE A 12 -0.81 -0.31 -2.74
N LEU A 13 0.18 -0.27 -1.86
CA LEU A 13 1.28 -1.22 -1.90
C LEU A 13 0.81 -2.64 -1.58
N LYS A 14 -0.01 -2.79 -0.55
CA LYS A 14 -0.50 -4.11 -0.15
C LYS A 14 -1.28 -4.79 -1.28
N GLU A 15 -1.94 -3.99 -2.12
CA GLU A 15 -2.71 -4.55 -3.21
C GLU A 15 -1.88 -4.79 -4.46
N MET A 16 -0.99 -3.85 -4.80
CA MET A 16 -0.17 -4.00 -6.00
C MET A 16 0.72 -5.22 -5.88
N GLN A 17 1.32 -5.42 -4.72
CA GLN A 17 2.19 -6.56 -4.50
C GLN A 17 1.39 -7.84 -4.43
N LEU A 18 0.25 -7.79 -3.78
CA LEU A 18 -0.63 -8.96 -3.67
C LEU A 18 -1.12 -9.37 -5.06
N LYS A 19 -1.47 -8.37 -5.85
CA LYS A 19 -1.96 -8.61 -7.20
C LYS A 19 -0.82 -8.53 -8.21
N GLY A 20 0.41 -8.77 -7.73
CA GLY A 20 1.57 -8.72 -8.60
C GLY A 20 2.53 -9.83 -8.28
N LEU A 21 2.02 -10.87 -7.63
CA LEU A 21 2.84 -12.03 -7.27
C LEU A 21 2.73 -13.15 -8.31
N PRO A 22 1.49 -13.59 -8.66
CA PRO A 22 1.30 -14.67 -9.65
C PRO A 22 1.35 -14.14 -11.08
N GLY A 1 -0.89 15.83 8.97
CA GLY A 1 -1.02 14.53 9.67
C GLY A 1 -0.02 13.52 9.14
N VAL A 2 -0.39 12.25 9.14
CA VAL A 2 0.49 11.19 8.66
C VAL A 2 -0.26 9.87 8.53
N LYS A 3 -1.13 9.59 9.52
CA LYS A 3 -1.93 8.36 9.54
C LYS A 3 -3.07 8.44 8.52
N SER A 4 -2.69 8.64 7.26
CA SER A 4 -3.65 8.74 6.17
C SER A 4 -2.91 8.71 4.84
N SER A 5 -1.81 9.45 4.78
CA SER A 5 -0.98 9.51 3.60
C SER A 5 -0.12 8.27 3.53
N GLU A 6 0.58 8.03 4.61
CA GLU A 6 1.42 6.86 4.75
C GLU A 6 0.57 5.61 4.70
N THR A 7 -0.63 5.73 5.23
CA THR A 7 -1.56 4.63 5.27
C THR A 7 -2.08 4.27 3.89
N THR A 8 -2.48 5.28 3.11
CA THR A 8 -3.01 5.04 1.78
C THR A 8 -1.92 4.48 0.84
N LEU A 9 -0.69 4.94 0.99
CA LEU A 9 0.40 4.45 0.16
C LEU A 9 0.73 3.02 0.50
N THR A 10 0.71 2.69 1.79
CA THR A 10 0.99 1.33 2.24
C THR A 10 -0.14 0.40 1.80
N MET A 11 -1.32 0.98 1.68
CA MET A 11 -2.51 0.24 1.28
C MET A 11 -2.41 -0.15 -0.19
N PHE A 12 -2.05 0.81 -1.03
CA PHE A 12 -1.92 0.54 -2.43
C PHE A 12 -0.77 -0.42 -2.66
N LEU A 13 0.28 -0.24 -1.87
CA LEU A 13 1.45 -1.08 -1.96
C LEU A 13 1.10 -2.53 -1.71
N LYS A 14 0.29 -2.78 -0.68
CA LYS A 14 -0.12 -4.13 -0.35
C LYS A 14 -0.91 -4.75 -1.49
N GLU A 15 -1.88 -4.00 -2.01
CA GLU A 15 -2.71 -4.46 -3.11
C GLU A 15 -1.88 -4.70 -4.37
N MET A 16 -0.99 -3.78 -4.69
CA MET A 16 -0.14 -3.91 -5.87
C MET A 16 0.72 -5.16 -5.79
N GLN A 17 1.32 -5.39 -4.63
CA GLN A 17 2.16 -6.57 -4.44
C GLN A 17 1.32 -7.84 -4.49
N LEU A 18 0.10 -7.76 -3.98
CA LEU A 18 -0.81 -8.90 -3.97
C LEU A 18 -1.25 -9.25 -5.39
N LYS A 19 -1.54 -8.22 -6.18
CA LYS A 19 -1.98 -8.41 -7.56
C LYS A 19 -0.85 -8.94 -8.44
N GLY A 20 0.37 -8.51 -8.16
CA GLY A 20 1.51 -8.96 -8.94
C GLY A 20 2.39 -9.90 -8.15
N LEU A 21 1.76 -10.72 -7.34
CA LEU A 21 2.46 -11.69 -6.51
C LEU A 21 2.88 -12.92 -7.32
N PRO A 22 1.95 -13.59 -8.03
CA PRO A 22 2.26 -14.78 -8.84
C PRO A 22 2.84 -14.42 -10.19
#